data_9F5G
#
_entry.id   9F5G
#
_cell.length_a   37.959
_cell.length_b   43.962
_cell.length_c   56.041
_cell.angle_alpha   90.000
_cell.angle_beta   94.330
_cell.angle_gamma   90.000
#
_symmetry.space_group_name_H-M   'P 1 21 1'
#
loop_
_entity.id
_entity.type
_entity.pdbx_description
1 polymer 'Heterogeneous nuclear ribonucleoprotein A1, N-terminally processed'
2 non-polymer 1-[(2R)-1-(methanesulfonyl)pyrrolidin-2-yl]methanamine
3 water water
#
_entity_poly.entity_id   1
_entity_poly.type   'polypeptide(L)'
_entity_poly.pdbx_seq_one_letter_code
;GPMGSKSESPKEPEQLRKLFIGGLSFETTDESLRSHFEQWGTLTDCVVMRDPNTKRSRGFGFVTYATVEEVDAAMNARPH
KVDGRVVEPKRAVSREDSQRPGAHLTVKKIFVGGIKEDTEEHHLRDYFEQYGKIEVIEIMTDRGSGKKRGFAFVTFDDHD
SVDKIVIQKYHTVNGHNCEVRKALSKQEMASASSSQRG
;
_entity_poly.pdbx_strand_id   A
#
loop_
_chem_comp.id
_chem_comp.type
_chem_comp.name
_chem_comp.formula
Z9I non-polymer 1-[(2R)-1-(methanesulfonyl)pyrrolidin-2-yl]methanamine 'C6 H14 N2 O2 S'
#
# COMPACT_ATOMS: atom_id res chain seq x y z
N PRO A 10 -23.10 -2.17 -1.84
CA PRO A 10 -22.18 -2.65 -0.82
C PRO A 10 -20.79 -2.02 -0.99
N LYS A 11 -20.62 -0.80 -0.52
CA LYS A 11 -19.40 -0.05 -0.73
C LYS A 11 -18.28 -0.57 0.18
N GLU A 12 -17.05 -0.54 -0.31
CA GLU A 12 -15.92 -0.89 0.54
C GLU A 12 -15.83 0.13 1.66
N PRO A 13 -15.31 -0.26 2.83
CA PRO A 13 -15.15 0.70 3.92
C PRO A 13 -14.36 1.92 3.48
N GLU A 14 -14.82 3.11 3.91
CA GLU A 14 -14.20 4.35 3.46
C GLU A 14 -12.72 4.40 3.79
N GLN A 15 -12.33 3.85 4.95
CA GLN A 15 -10.91 3.87 5.31
C GLN A 15 -10.04 3.22 4.25
N LEU A 16 -10.58 2.22 3.55
CA LEU A 16 -9.81 1.52 2.55
C LEU A 16 -9.81 2.22 1.20
N ARG A 17 -10.49 3.36 1.09
CA ARG A 17 -10.60 4.10 -0.20
C ARG A 17 -9.87 5.45 -0.13
N LYS A 18 -9.20 5.71 1.00
CA LYS A 18 -8.51 7.00 1.18
C LYS A 18 -7.04 6.90 0.82
N LEU A 19 -6.50 8.01 0.35
CA LEU A 19 -5.05 8.08 0.14
C LEU A 19 -4.50 9.32 0.84
N PHE A 20 -3.56 9.13 1.76
N PHE A 20 -3.55 9.13 1.75
CA PHE A 20 -2.92 10.28 2.42
CA PHE A 20 -2.91 10.29 2.41
C PHE A 20 -1.86 10.77 1.44
C PHE A 20 -1.84 10.78 1.46
N ILE A 21 -1.88 12.08 1.13
CA ILE A 21 -0.92 12.64 0.15
C ILE A 21 0.03 13.58 0.91
N GLY A 22 1.27 13.14 1.10
CA GLY A 22 2.28 13.98 1.75
C GLY A 22 3.12 14.74 0.74
N GLY A 23 3.89 15.71 1.23
CA GLY A 23 4.83 16.38 0.32
C GLY A 23 4.14 17.37 -0.61
N LEU A 24 2.96 17.86 -0.20
CA LEU A 24 2.26 18.78 -1.09
C LEU A 24 3.01 20.10 -1.21
N SER A 25 2.93 20.68 -2.40
CA SER A 25 3.20 22.11 -2.50
C SER A 25 2.27 22.88 -1.58
N PHE A 26 2.80 23.88 -0.87
CA PHE A 26 1.94 24.76 -0.08
C PHE A 26 0.93 25.51 -0.94
N GLU A 27 1.14 25.58 -2.27
CA GLU A 27 0.19 26.21 -3.18
C GLU A 27 -0.98 25.28 -3.54
N THR A 28 -0.88 23.99 -3.26
CA THR A 28 -1.95 23.07 -3.61
C THR A 28 -3.20 23.32 -2.77
N THR A 29 -4.35 23.31 -3.43
CA THR A 29 -5.65 23.60 -2.82
C THR A 29 -6.52 22.36 -2.88
N ASP A 30 -7.64 22.39 -2.13
CA ASP A 30 -8.67 21.36 -2.29
C ASP A 30 -8.97 21.17 -3.77
N GLU A 31 -9.14 22.28 -4.49
CA GLU A 31 -9.55 22.21 -5.87
C GLU A 31 -8.45 21.64 -6.76
N SER A 32 -7.20 22.06 -6.56
CA SER A 32 -6.15 21.58 -7.47
C SER A 32 -5.77 20.13 -7.14
N LEU A 33 -5.81 19.75 -5.87
CA LEU A 33 -5.59 18.35 -5.53
C LEU A 33 -6.68 17.48 -6.13
N ARG A 34 -7.94 17.94 -6.07
CA ARG A 34 -9.05 17.16 -6.63
C ARG A 34 -8.93 17.04 -8.14
N SER A 35 -8.66 18.16 -8.82
CA SER A 35 -8.50 18.11 -10.27
C SER A 35 -7.42 17.12 -10.67
N HIS A 36 -6.34 17.06 -9.90
CA HIS A 36 -5.28 16.10 -10.22
C HIS A 36 -5.76 14.67 -10.05
N PHE A 37 -6.25 14.34 -8.86
CA PHE A 37 -6.51 12.94 -8.57
C PHE A 37 -7.83 12.43 -9.15
N GLU A 38 -8.71 13.31 -9.64
CA GLU A 38 -9.88 12.82 -10.36
C GLU A 38 -9.52 12.14 -11.68
N GLN A 39 -8.28 12.26 -12.15
CA GLN A 39 -7.89 11.53 -13.35
C GLN A 39 -7.99 10.02 -13.17
N TRP A 40 -7.94 9.52 -11.94
CA TRP A 40 -7.91 8.08 -11.71
C TRP A 40 -9.17 7.55 -11.04
N GLY A 41 -10.20 8.38 -10.86
CA GLY A 41 -11.47 7.89 -10.37
C GLY A 41 -12.30 9.01 -9.77
N THR A 42 -13.50 8.61 -9.34
CA THR A 42 -14.44 9.51 -8.67
C THR A 42 -13.96 9.80 -7.26
N LEU A 43 -13.85 11.08 -6.90
CA LEU A 43 -13.43 11.49 -5.56
C LEU A 43 -14.65 11.90 -4.74
N THR A 44 -14.91 11.16 -3.65
CA THR A 44 -15.97 11.52 -2.72
C THR A 44 -15.51 12.53 -1.67
N ASP A 45 -14.20 12.68 -1.48
CA ASP A 45 -13.68 13.66 -0.55
C ASP A 45 -12.28 14.06 -1.01
N CYS A 46 -11.88 15.29 -0.69
CA CYS A 46 -10.54 15.76 -1.08
C CYS A 46 -10.25 17.01 -0.25
N VAL A 47 -9.30 16.92 0.67
N VAL A 47 -9.27 16.94 0.63
CA VAL A 47 -8.99 18.01 1.59
CA VAL A 47 -8.97 18.02 1.57
C VAL A 47 -7.48 18.22 1.67
C VAL A 47 -7.48 18.22 1.67
N VAL A 48 -7.07 19.45 1.62
CA VAL A 48 -5.70 19.88 2.02
C VAL A 48 -5.73 20.31 3.49
N MET A 49 -4.80 19.76 4.26
CA MET A 49 -4.76 20.11 5.69
C MET A 49 -4.10 21.49 5.81
N ARG A 50 -4.74 22.34 6.59
CA ARG A 50 -4.20 23.68 6.80
C ARG A 50 -4.18 24.06 8.29
N ASP A 51 -3.33 25.02 8.59
CA ASP A 51 -3.30 25.56 9.95
C ASP A 51 -4.63 26.23 10.27
N PRO A 52 -5.17 26.04 11.48
CA PRO A 52 -6.47 26.63 11.80
C PRO A 52 -6.45 28.15 11.92
N ASN A 53 -5.30 28.75 12.21
CA ASN A 53 -5.20 30.20 12.39
C ASN A 53 -4.68 30.92 11.15
N THR A 54 -3.59 30.42 10.56
CA THR A 54 -2.97 31.08 9.41
C THR A 54 -3.55 30.66 8.08
N LYS A 55 -4.25 29.53 8.03
CA LYS A 55 -4.69 28.89 6.80
C LYS A 55 -3.52 28.45 5.91
N ARG A 56 -2.29 28.53 6.40
CA ARG A 56 -1.15 28.06 5.61
C ARG A 56 -1.18 26.54 5.55
N SER A 57 -0.90 26.01 4.37
CA SER A 57 -0.92 24.57 4.17
C SER A 57 0.01 23.85 5.14
N ARG A 58 -0.44 22.70 5.62
CA ARG A 58 0.41 21.81 6.40
C ARG A 58 1.22 20.86 5.51
N GLY A 59 1.08 20.96 4.18
CA GLY A 59 1.90 20.17 3.29
C GLY A 59 1.43 18.75 3.07
N PHE A 60 0.25 18.41 3.56
CA PHE A 60 -0.31 17.09 3.23
C PHE A 60 -1.83 17.21 3.18
N GLY A 61 -2.44 16.18 2.63
CA GLY A 61 -3.89 16.15 2.54
C GLY A 61 -4.34 14.72 2.31
N PHE A 62 -5.61 14.57 1.93
N PHE A 62 -5.60 14.57 1.92
CA PHE A 62 -6.12 13.21 1.64
CA PHE A 62 -6.14 13.22 1.67
C PHE A 62 -7.24 13.25 0.60
C PHE A 62 -7.22 13.26 0.61
N VAL A 63 -7.34 12.17 -0.15
CA VAL A 63 -8.41 12.08 -1.17
C VAL A 63 -9.13 10.76 -0.85
N THR A 64 -10.42 10.72 -1.08
CA THR A 64 -11.17 9.47 -0.91
C THR A 64 -11.83 9.12 -2.22
N TYR A 65 -11.49 7.94 -2.74
CA TYR A 65 -12.10 7.45 -3.99
C TYR A 65 -13.39 6.68 -3.71
N ALA A 66 -14.17 6.52 -4.78
CA ALA A 66 -15.41 5.75 -4.67
C ALA A 66 -15.17 4.25 -4.50
N THR A 67 -14.07 3.72 -5.04
CA THR A 67 -13.79 2.29 -4.96
C THR A 67 -12.30 2.04 -4.70
N VAL A 68 -12.01 0.83 -4.23
CA VAL A 68 -10.63 0.41 -4.01
C VAL A 68 -9.88 0.30 -5.34
N GLU A 69 -10.55 -0.16 -6.41
CA GLU A 69 -9.87 -0.23 -7.70
C GLU A 69 -9.38 1.15 -8.13
N GLU A 70 -10.11 2.21 -7.76
CA GLU A 70 -9.66 3.55 -8.09
C GLU A 70 -8.42 3.94 -7.29
N VAL A 71 -8.37 3.52 -6.01
CA VAL A 71 -7.14 3.71 -5.24
C VAL A 71 -5.97 3.02 -5.92
N ASP A 72 -6.16 1.77 -6.35
CA ASP A 72 -5.10 1.04 -7.04
C ASP A 72 -4.64 1.80 -8.28
N ALA A 73 -5.60 2.32 -9.06
CA ALA A 73 -5.24 3.03 -10.28
C ALA A 73 -4.38 4.24 -9.97
N ALA A 74 -4.77 5.00 -8.95
CA ALA A 74 -3.98 6.17 -8.57
C ALA A 74 -2.58 5.75 -8.10
N MET A 75 -2.48 4.70 -7.28
CA MET A 75 -1.17 4.25 -6.85
C MET A 75 -0.34 3.73 -8.02
N ASN A 76 -0.98 3.10 -9.00
CA ASN A 76 -0.21 2.59 -10.13
C ASN A 76 0.23 3.71 -11.08
N ALA A 77 -0.33 4.91 -10.92
CA ALA A 77 0.09 6.07 -11.70
C ALA A 77 1.18 6.90 -11.05
N ARG A 78 1.69 6.50 -9.89
CA ARG A 78 2.84 7.18 -9.33
C ARG A 78 4.02 7.07 -10.29
N PRO A 79 4.97 8.01 -10.23
CA PRO A 79 5.03 9.18 -9.34
C PRO A 79 4.05 10.23 -9.77
N HIS A 80 3.39 10.85 -8.80
CA HIS A 80 2.47 11.96 -9.04
C HIS A 80 3.18 13.28 -8.82
N LYS A 81 3.14 14.14 -9.82
CA LYS A 81 3.66 15.49 -9.71
C LYS A 81 2.44 16.41 -9.67
N VAL A 82 2.20 17.01 -8.51
CA VAL A 82 0.99 17.78 -8.25
C VAL A 82 1.42 19.23 -8.05
N ASP A 83 0.93 20.11 -8.92
CA ASP A 83 1.29 21.52 -8.86
C ASP A 83 2.80 21.69 -8.80
N GLY A 84 3.51 20.87 -9.58
CA GLY A 84 4.94 21.01 -9.74
C GLY A 84 5.81 20.27 -8.76
N ARG A 85 5.21 19.52 -7.84
CA ARG A 85 5.98 18.84 -6.79
C ARG A 85 5.61 17.37 -6.76
N VAL A 86 6.63 16.50 -6.70
CA VAL A 86 6.35 15.07 -6.56
C VAL A 86 5.87 14.79 -5.15
N VAL A 87 4.68 14.21 -5.04
CA VAL A 87 4.06 13.99 -3.73
C VAL A 87 4.20 12.53 -3.35
N GLU A 88 3.76 12.18 -2.13
CA GLU A 88 3.93 10.83 -1.59
C GLU A 88 2.58 10.31 -1.14
N PRO A 89 1.87 9.57 -2.00
CA PRO A 89 0.60 8.98 -1.59
C PRO A 89 0.82 7.67 -0.85
N LYS A 90 -0.03 7.43 0.13
CA LYS A 90 0.03 6.18 0.89
C LYS A 90 -1.39 5.82 1.34
N ARG A 91 -1.70 4.55 1.34
CA ARG A 91 -3.02 4.13 1.86
C ARG A 91 -3.10 4.39 3.37
N ALA A 92 -4.34 4.65 3.83
CA ALA A 92 -4.58 4.92 5.26
C ALA A 92 -4.04 3.84 6.15
N VAL A 93 -3.86 4.25 7.40
CA VAL A 93 -3.32 3.28 8.39
C VAL A 93 -4.32 2.16 8.70
N SER A 94 -3.80 0.97 9.00
CA SER A 94 -4.66 -0.17 9.43
C SER A 94 -4.24 -0.58 10.84
N HIS A 104 1.78 5.57 9.68
CA HIS A 104 2.04 4.54 8.68
C HIS A 104 3.40 3.89 8.91
N LEU A 105 3.40 2.57 9.01
CA LEU A 105 4.65 1.79 9.06
C LEU A 105 5.00 1.41 7.63
N THR A 106 5.87 2.19 6.99
CA THR A 106 6.09 2.08 5.55
C THR A 106 7.25 1.16 5.26
N VAL A 107 6.96 -0.11 4.96
CA VAL A 107 8.02 -1.08 4.72
C VAL A 107 7.73 -1.82 3.41
N LYS A 108 8.76 -2.50 2.91
CA LYS A 108 8.66 -3.21 1.64
C LYS A 108 8.73 -4.72 1.82
N LYS A 109 8.70 -5.21 3.05
CA LYS A 109 8.93 -6.63 3.32
C LYS A 109 7.79 -7.19 4.15
N ILE A 110 7.39 -8.43 3.84
CA ILE A 110 6.36 -9.11 4.62
C ILE A 110 6.93 -10.41 5.17
N PHE A 111 6.39 -10.78 6.33
CA PHE A 111 6.48 -12.12 6.90
C PHE A 111 5.28 -12.93 6.41
N VAL A 112 5.54 -14.16 5.96
CA VAL A 112 4.50 -15.08 5.52
C VAL A 112 4.66 -16.33 6.37
N GLY A 113 3.69 -16.60 7.23
CA GLY A 113 3.76 -17.77 8.09
C GLY A 113 2.69 -18.81 7.78
N GLY A 114 2.91 -20.04 8.24
CA GLY A 114 1.94 -21.09 8.04
C GLY A 114 2.07 -21.82 6.72
N ILE A 115 3.23 -21.71 6.05
CA ILE A 115 3.40 -22.34 4.75
C ILE A 115 3.90 -23.77 4.87
N LYS A 116 4.28 -24.20 6.08
CA LYS A 116 4.69 -25.57 6.34
C LYS A 116 5.93 -25.93 5.54
N GLU A 117 6.13 -27.22 5.26
CA GLU A 117 7.35 -27.70 4.63
C GLU A 117 7.25 -27.90 3.13
N ASP A 118 6.05 -27.86 2.54
CA ASP A 118 5.89 -28.17 1.13
C ASP A 118 5.76 -26.94 0.24
N THR A 119 5.84 -25.73 0.80
CA THR A 119 5.70 -24.52 0.00
C THR A 119 7.06 -24.08 -0.52
N GLU A 120 7.13 -23.83 -1.83
CA GLU A 120 8.38 -23.47 -2.51
C GLU A 120 8.31 -22.03 -3.02
N GLU A 121 9.43 -21.60 -3.60
CA GLU A 121 9.54 -20.21 -4.04
C GLU A 121 8.47 -19.88 -5.08
N HIS A 122 8.22 -20.77 -6.03
CA HIS A 122 7.30 -20.42 -7.11
C HIS A 122 5.86 -20.29 -6.61
N HIS A 123 5.48 -21.03 -5.57
CA HIS A 123 4.18 -20.82 -4.96
C HIS A 123 4.03 -19.38 -4.47
N LEU A 124 4.99 -18.93 -3.68
CA LEU A 124 4.97 -17.56 -3.16
C LEU A 124 5.07 -16.54 -4.29
N ARG A 125 5.95 -16.79 -5.26
CA ARG A 125 6.13 -15.82 -6.35
C ARG A 125 4.85 -15.69 -7.16
N ASP A 126 4.28 -16.81 -7.61
CA ASP A 126 3.08 -16.78 -8.42
C ASP A 126 1.94 -16.05 -7.71
N TYR A 127 1.84 -16.19 -6.39
CA TYR A 127 0.78 -15.53 -5.66
C TYR A 127 1.07 -14.05 -5.44
N PHE A 128 2.24 -13.74 -4.88
CA PHE A 128 2.50 -12.36 -4.47
C PHE A 128 2.91 -11.44 -5.60
N GLU A 129 3.30 -11.97 -6.77
CA GLU A 129 3.69 -11.09 -7.86
C GLU A 129 2.55 -10.23 -8.36
N GLN A 130 1.31 -10.63 -8.10
CA GLN A 130 0.18 -9.81 -8.51
C GLN A 130 -0.10 -8.66 -7.54
N TYR A 131 0.65 -8.58 -6.43
CA TYR A 131 0.58 -7.42 -5.55
C TYR A 131 1.66 -6.39 -5.85
N GLY A 132 2.78 -6.82 -6.41
CA GLY A 132 3.84 -5.87 -6.71
C GLY A 132 5.06 -6.61 -7.23
N LYS A 133 6.07 -5.82 -7.60
CA LYS A 133 7.30 -6.39 -8.14
C LYS A 133 8.13 -6.96 -7.00
N ILE A 134 8.42 -8.25 -7.08
CA ILE A 134 9.17 -8.94 -6.04
C ILE A 134 10.66 -8.83 -6.30
N GLU A 135 11.43 -8.49 -5.26
CA GLU A 135 12.88 -8.45 -5.36
C GLU A 135 13.57 -9.62 -4.65
N VAL A 136 13.04 -10.09 -3.53
CA VAL A 136 13.67 -11.18 -2.78
C VAL A 136 12.58 -12.08 -2.22
N ILE A 137 12.79 -13.38 -2.31
CA ILE A 137 11.95 -14.36 -1.61
C ILE A 137 12.89 -15.22 -0.77
N GLU A 138 12.65 -15.26 0.53
CA GLU A 138 13.53 -15.98 1.44
C GLU A 138 12.72 -17.00 2.22
N ILE A 139 12.78 -18.25 1.79
CA ILE A 139 12.15 -19.37 2.49
C ILE A 139 13.05 -19.78 3.64
N MET A 140 12.55 -19.74 4.86
CA MET A 140 13.41 -19.92 6.02
C MET A 140 13.64 -21.40 6.30
N THR A 141 14.88 -21.73 6.62
CA THR A 141 15.28 -23.10 6.90
C THR A 141 16.03 -23.14 8.23
N ASP A 142 16.03 -24.32 8.84
CA ASP A 142 16.64 -24.48 10.14
C ASP A 142 18.16 -24.38 10.03
N ARG A 143 18.76 -23.58 10.91
CA ARG A 143 20.20 -23.34 10.88
C ARG A 143 20.99 -24.63 11.07
N GLY A 144 20.45 -25.60 11.80
CA GLY A 144 21.14 -26.85 12.06
C GLY A 144 20.88 -27.96 11.06
N SER A 145 19.62 -28.15 10.67
CA SER A 145 19.22 -29.28 9.85
C SER A 145 18.94 -28.95 8.40
N GLY A 146 18.73 -27.67 8.08
CA GLY A 146 18.31 -27.28 6.76
C GLY A 146 16.84 -27.50 6.46
N LYS A 147 16.08 -28.05 7.41
CA LYS A 147 14.68 -28.29 7.15
C LYS A 147 13.91 -26.97 7.10
N LYS A 148 12.87 -26.94 6.27
CA LYS A 148 12.07 -25.74 6.18
C LYS A 148 11.33 -25.50 7.49
N ARG A 149 11.27 -24.24 7.91
CA ARG A 149 10.69 -23.89 9.19
C ARG A 149 9.23 -23.48 9.07
N GLY A 150 8.72 -23.31 7.87
CA GLY A 150 7.32 -23.01 7.69
C GLY A 150 6.98 -21.53 7.62
N PHE A 151 7.95 -20.67 7.34
CA PHE A 151 7.64 -19.28 7.06
C PHE A 151 8.69 -18.70 6.11
N ALA A 152 8.40 -17.51 5.61
CA ALA A 152 9.20 -16.92 4.56
C ALA A 152 9.08 -15.40 4.64
N PHE A 153 10.01 -14.72 3.97
CA PHE A 153 9.94 -13.28 3.82
C PHE A 153 9.94 -12.94 2.34
N VAL A 154 9.09 -11.99 1.97
CA VAL A 154 9.04 -11.50 0.59
C VAL A 154 9.31 -10.00 0.63
N THR A 155 10.25 -9.55 -0.21
CA THR A 155 10.61 -8.15 -0.32
C THR A 155 10.19 -7.65 -1.69
N PHE A 156 9.44 -6.55 -1.71
CA PHE A 156 8.98 -5.91 -2.93
C PHE A 156 9.79 -4.66 -3.20
N ASP A 157 9.62 -4.11 -4.39
CA ASP A 157 10.32 -2.88 -4.71
C ASP A 157 9.62 -1.63 -4.21
N ASP A 158 8.50 -1.77 -3.50
CA ASP A 158 7.70 -0.61 -3.16
C ASP A 158 6.70 -0.98 -2.08
N HIS A 159 6.34 0.00 -1.26
CA HIS A 159 5.57 -0.27 -0.06
C HIS A 159 4.10 -0.54 -0.34
N ASP A 160 3.57 -0.12 -1.49
CA ASP A 160 2.12 -0.24 -1.67
C ASP A 160 1.70 -1.68 -1.81
N SER A 161 2.55 -2.51 -2.42
N SER A 161 2.55 -2.53 -2.39
CA SER A 161 2.30 -3.96 -2.44
CA SER A 161 2.28 -3.96 -2.45
C SER A 161 2.02 -4.47 -1.05
C SER A 161 2.03 -4.51 -1.04
N VAL A 162 2.92 -4.16 -0.10
CA VAL A 162 2.75 -4.60 1.28
C VAL A 162 1.47 -4.05 1.88
N ASP A 163 1.18 -2.76 1.64
CA ASP A 163 -0.03 -2.15 2.19
C ASP A 163 -1.29 -2.84 1.68
N LYS A 164 -1.31 -3.22 0.39
CA LYS A 164 -2.44 -3.98 -0.15
C LYS A 164 -2.53 -5.35 0.49
N ILE A 165 -1.39 -5.99 0.71
CA ILE A 165 -1.36 -7.35 1.20
C ILE A 165 -1.92 -7.43 2.61
N VAL A 166 -1.45 -6.56 3.50
CA VAL A 166 -1.73 -6.78 4.92
C VAL A 166 -3.14 -6.39 5.33
N ILE A 167 -3.88 -5.68 4.47
CA ILE A 167 -5.27 -5.37 4.80
C ILE A 167 -6.25 -6.43 4.31
N GLN A 168 -5.82 -7.40 3.51
CA GLN A 168 -6.67 -8.55 3.20
C GLN A 168 -6.93 -9.38 4.45
N LYS A 169 -8.15 -9.89 4.58
CA LYS A 169 -8.47 -10.78 5.69
C LYS A 169 -7.78 -12.14 5.56
N TYR A 170 -7.60 -12.62 4.33
CA TYR A 170 -7.12 -13.98 4.09
C TYR A 170 -6.03 -13.99 3.03
N HIS A 171 -5.09 -14.92 3.17
CA HIS A 171 -4.14 -15.25 2.11
C HIS A 171 -4.03 -16.76 2.01
N THR A 172 -4.29 -17.29 0.82
CA THR A 172 -4.25 -18.72 0.56
C THR A 172 -3.14 -18.97 -0.44
N VAL A 173 -2.11 -19.70 0.00
CA VAL A 173 -0.93 -19.98 -0.82
C VAL A 173 -0.62 -21.46 -0.69
N ASN A 174 -0.58 -22.16 -1.82
CA ASN A 174 -0.26 -23.59 -1.83
C ASN A 174 -1.24 -24.38 -0.96
N GLY A 175 -2.51 -23.99 -1.02
CA GLY A 175 -3.54 -24.58 -0.19
C GLY A 175 -3.51 -24.20 1.27
N HIS A 176 -2.48 -23.49 1.74
CA HIS A 176 -2.37 -23.11 3.13
C HIS A 176 -3.03 -21.75 3.36
N ASN A 177 -3.70 -21.62 4.51
CA ASN A 177 -4.15 -20.30 4.96
C ASN A 177 -3.00 -19.68 5.75
N CYS A 178 -2.44 -18.60 5.21
CA CYS A 178 -1.21 -18.04 5.73
C CYS A 178 -1.48 -16.81 6.59
N GLU A 179 -0.57 -16.57 7.52
CA GLU A 179 -0.57 -15.35 8.32
C GLU A 179 0.47 -14.43 7.71
N VAL A 180 0.06 -13.21 7.34
CA VAL A 180 0.97 -12.29 6.67
C VAL A 180 1.00 -10.99 7.45
N ARG A 181 2.20 -10.47 7.70
CA ARG A 181 2.32 -9.21 8.38
C ARG A 181 3.54 -8.46 7.88
N LYS A 182 3.58 -7.17 8.18
CA LYS A 182 4.74 -6.35 7.84
C LYS A 182 5.95 -6.82 8.62
N ALA A 183 7.11 -6.80 7.96
CA ALA A 183 8.37 -7.22 8.57
C ALA A 183 9.36 -6.06 8.60
N LEU A 184 10.01 -5.89 9.76
CA LEU A 184 11.02 -4.84 10.02
C LEU A 184 10.75 -3.51 9.33
C10 Z9I B . 1.10 13.74 -16.45
C01 Z9I B . 0.96 10.94 -12.62
S02 Z9I B . 1.00 12.64 -13.04
O03 Z9I B . 1.61 13.37 -11.98
O04 Z9I B . -0.31 13.02 -13.50
N05 Z9I B . 1.99 12.82 -14.32
C06 Z9I B . 3.43 12.56 -14.19
C07 Z9I B . 3.89 12.34 -15.61
C08 Z9I B . 2.68 11.74 -16.30
C09 Z9I B . 1.50 12.49 -15.67
N11 Z9I B . 0.16 13.42 -17.51
#